data_4I40
#
_entry.id   4I40
#
_cell.length_a   59.977
_cell.length_b   62.397
_cell.length_c   140.638
_cell.angle_alpha   90.000
_cell.angle_beta   90.000
_cell.angle_gamma   90.000
#
_symmetry.space_group_name_H-M   'P 21 2 21'
#
loop_
_entity.id
_entity.type
_entity.pdbx_description
1 polymer 'Inositol monophosphatase family protein'
2 non-polymer 'MAGNESIUM ION'
3 non-polymer 'PHOSPHATE ION'
4 non-polymer GLYCEROL
5 non-polymer 'TETRAETHYLENE GLYCOL'
6 water water
#
_entity_poly.entity_id   1
_entity_poly.type   'polypeptide(L)'
_entity_poly.pdbx_seq_one_letter_code
;HHHHHHMTDKTLQQIDKLICSWLKQIDNVIPQLIMEMTTETKRHRFDLVTNVDKQIQQQFQQFLATYFPEHQLLAEEKSN
AMITNEINHLWIMDPIDGTANLVKQQEDYCIILAYFYEGKPMLSYVYDYPHKKLYKAIRGEGAFCNGIKMEEPPSLKLED
AIISFNAQVMNLDTVQDLFDASFSYRLVGACGLDSMRVAKGQFGAHINTNPKPWDIAAQFLFAELLNLKMTTLDGKAIDH
LKGAPFIISNKACHETVLKILNANGGYQKYR
;
_entity_poly.pdbx_strand_id   A,B
#
loop_
_chem_comp.id
_chem_comp.type
_chem_comp.name
_chem_comp.formula
GOL non-polymer GLYCEROL 'C3 H8 O3'
MG non-polymer 'MAGNESIUM ION' 'Mg 2'
PG4 non-polymer 'TETRAETHYLENE GLYCOL' 'C8 H18 O5'
PO4 non-polymer 'PHOSPHATE ION' 'O4 P -3'
#
# COMPACT_ATOMS: atom_id res chain seq x y z
N LYS A 10 29.58 -7.96 -21.38
CA LYS A 10 29.37 -9.16 -22.29
C LYS A 10 28.60 -10.39 -21.70
N THR A 11 28.89 -10.89 -20.50
CA THR A 11 27.98 -11.94 -19.91
C THR A 11 26.71 -11.29 -19.28
N LEU A 12 25.65 -12.06 -19.07
CA LEU A 12 24.46 -11.49 -18.41
C LEU A 12 24.76 -10.98 -17.01
N GLN A 13 25.69 -11.64 -16.28
CA GLN A 13 25.97 -11.25 -14.88
C GLN A 13 26.76 -9.95 -14.86
N GLN A 14 27.74 -9.83 -15.76
CA GLN A 14 28.45 -8.55 -15.98
C GLN A 14 27.53 -7.38 -16.35
N ILE A 15 26.45 -7.64 -17.10
CA ILE A 15 25.48 -6.61 -17.41
C ILE A 15 24.66 -6.30 -16.15
N ASP A 16 24.19 -7.34 -15.48
CA ASP A 16 23.47 -7.18 -14.23
C ASP A 16 24.26 -6.41 -13.17
N LYS A 17 25.50 -6.82 -12.98
CA LYS A 17 26.43 -6.13 -12.10
C LYS A 17 26.43 -4.63 -12.44
N LEU A 18 26.57 -4.29 -13.72
CA LEU A 18 26.55 -2.87 -14.13
C LEU A 18 25.27 -2.13 -13.79
N ILE A 19 24.13 -2.79 -13.99
CA ILE A 19 22.82 -2.15 -13.81
C ILE A 19 22.47 -1.93 -12.34
N CYS A 20 22.69 -2.93 -11.49
CA CYS A 20 22.45 -2.76 -10.03
C CYS A 20 23.30 -1.69 -9.46
N SER A 21 24.50 -1.62 -10.00
CA SER A 21 25.48 -0.68 -9.55
C SER A 21 24.93 0.70 -9.87
N TRP A 22 24.37 0.84 -11.07
CA TRP A 22 23.83 2.11 -11.52
C TRP A 22 22.56 2.52 -10.77
N LEU A 23 21.66 1.57 -10.58
CA LEU A 23 20.49 1.71 -9.71
C LEU A 23 20.85 2.14 -8.29
N LYS A 24 21.83 1.46 -7.70
CA LYS A 24 22.27 1.78 -6.35
C LYS A 24 22.94 3.17 -6.25
N GLN A 25 23.60 3.64 -7.30
CA GLN A 25 24.19 4.98 -7.24
C GLN A 25 23.13 6.10 -7.43
N ILE A 26 21.95 5.73 -7.93
CA ILE A 26 20.90 6.73 -8.05
C ILE A 26 20.10 6.91 -6.76
N ASP A 27 20.33 6.06 -5.76
CA ASP A 27 19.96 6.37 -4.38
C ASP A 27 20.48 7.73 -3.96
N ASN A 28 21.67 8.08 -4.41
CA ASN A 28 22.35 9.30 -3.99
C ASN A 28 21.81 10.55 -4.67
N VAL A 29 21.30 10.34 -5.87
CA VAL A 29 20.79 11.43 -6.66
C VAL A 29 19.34 11.73 -6.26
N ILE A 30 18.53 10.69 -6.07
CA ILE A 30 17.08 10.86 -5.90
C ILE A 30 16.63 11.90 -4.84
N PRO A 31 17.24 11.90 -3.65
CA PRO A 31 16.77 12.79 -2.60
C PRO A 31 16.90 14.27 -2.95
N GLN A 32 17.99 14.64 -3.56
CA GLN A 32 18.18 16.01 -4.05
C GLN A 32 17.05 16.40 -5.02
N LEU A 33 16.76 15.53 -5.99
CA LEU A 33 15.66 15.77 -6.94
C LEU A 33 14.27 15.85 -6.29
N ILE A 34 14.04 15.07 -5.24
CA ILE A 34 12.81 15.21 -4.48
C ILE A 34 12.77 16.60 -3.82
N MET A 35 13.88 17.03 -3.24
CA MET A 35 13.92 18.28 -2.50
C MET A 35 13.79 19.52 -3.41
N GLU A 36 14.15 19.39 -4.69
CA GLU A 36 13.93 20.45 -5.70
C GLU A 36 12.83 20.04 -6.74
N MET A 37 11.84 19.28 -6.27
CA MET A 37 10.82 18.68 -7.15
C MET A 37 9.91 19.73 -7.79
N THR A 38 9.72 19.61 -9.10
CA THR A 38 8.77 20.42 -9.86
C THR A 38 7.89 19.48 -10.71
N THR A 39 6.72 19.93 -11.10
CA THR A 39 5.75 19.09 -11.81
C THR A 39 5.15 19.73 -13.06
N GLU A 40 4.94 18.89 -14.08
CA GLU A 40 4.23 19.27 -15.31
C GLU A 40 3.21 18.18 -15.66
N THR A 41 2.22 18.54 -16.47
CA THR A 41 1.21 17.61 -16.90
C THR A 41 1.38 17.29 -18.35
N LYS A 42 0.77 16.21 -18.82
CA LYS A 42 0.98 15.79 -20.19
C LYS A 42 -0.32 15.79 -21.02
N ARG A 43 -1.10 14.70 -21.03
CA ARG A 43 -2.31 14.69 -21.90
C ARG A 43 -3.55 15.17 -21.17
N HIS A 44 -3.47 15.31 -19.85
CA HIS A 44 -4.46 16.02 -19.03
C HIS A 44 -3.80 16.43 -17.71
N ARG A 45 -4.56 17.02 -16.78
CA ARG A 45 -3.97 17.58 -15.54
C ARG A 45 -3.52 16.57 -14.48
N PHE A 46 -3.91 15.31 -14.67
CA PHE A 46 -3.61 14.24 -13.75
C PHE A 46 -2.57 13.28 -14.32
N ASP A 47 -2.15 13.51 -15.55
CA ASP A 47 -1.09 12.75 -16.16
C ASP A 47 0.25 13.47 -15.91
N LEU A 48 0.78 13.26 -14.70
CA LEU A 48 1.95 14.02 -14.21
C LEU A 48 3.34 13.55 -14.68
N VAL A 49 4.27 14.51 -14.68
CA VAL A 49 5.68 14.23 -14.97
C VAL A 49 6.53 15.25 -14.21
N THR A 50 7.55 14.75 -13.52
CA THR A 50 8.38 15.56 -12.65
C THR A 50 9.83 15.58 -13.12
N ASN A 51 10.60 16.51 -12.57
CA ASN A 51 12.05 16.52 -12.74
C ASN A 51 12.72 15.21 -12.41
N VAL A 52 12.18 14.45 -11.46
CA VAL A 52 12.69 13.11 -11.11
C VAL A 52 12.53 12.07 -12.26
N ASP A 53 11.35 12.01 -12.86
CA ASP A 53 11.13 11.16 -14.02
C ASP A 53 12.17 11.47 -15.13
N LYS A 54 12.39 12.74 -15.40
CA LYS A 54 13.24 13.17 -16.52
C LYS A 54 14.71 12.96 -16.25
N GLN A 55 15.14 13.33 -15.06
CA GLN A 55 16.55 13.20 -14.71
C GLN A 55 16.98 11.77 -14.70
N ILE A 56 16.13 10.90 -14.16
CA ILE A 56 16.47 9.49 -14.08
C ILE A 56 16.60 8.88 -15.46
N GLN A 57 15.68 9.26 -16.35
CA GLN A 57 15.75 8.83 -17.75
C GLN A 57 16.97 9.35 -18.48
N GLN A 58 17.20 10.67 -18.46
CA GLN A 58 18.44 11.24 -18.99
C GLN A 58 19.68 10.45 -18.53
N GLN A 59 19.81 10.25 -17.22
CA GLN A 59 21.00 9.61 -16.66
C GLN A 59 21.18 8.19 -17.09
N PHE A 60 20.08 7.50 -17.42
CA PHE A 60 20.20 6.16 -17.91
C PHE A 60 20.53 6.11 -19.37
N GLN A 61 20.01 7.05 -20.12
CA GLN A 61 20.32 7.10 -21.54
C GLN A 61 21.82 7.37 -21.73
N GLN A 62 22.39 8.21 -20.87
CA GLN A 62 23.81 8.52 -20.99
C GLN A 62 24.66 7.37 -20.44
N PHE A 63 24.17 6.67 -19.41
CA PHE A 63 24.76 5.39 -18.95
C PHE A 63 24.73 4.34 -20.05
N LEU A 64 23.69 4.33 -20.85
CA LEU A 64 23.60 3.38 -21.93
C LEU A 64 24.52 3.83 -23.12
N ALA A 65 24.46 5.11 -23.43
CA ALA A 65 25.34 5.68 -24.44
C ALA A 65 26.78 5.29 -24.12
N THR A 66 27.11 5.27 -22.86
CA THR A 66 28.48 5.20 -22.48
C THR A 66 28.93 3.78 -22.07
N TYR A 67 28.02 2.79 -22.03
CA TYR A 67 28.41 1.39 -21.83
C TYR A 67 28.00 0.44 -22.93
N PHE A 68 26.75 0.50 -23.36
CA PHE A 68 26.29 -0.37 -24.44
C PHE A 68 25.77 0.51 -25.57
N PRO A 69 26.68 1.18 -26.30
CA PRO A 69 26.28 2.17 -27.32
C PRO A 69 25.38 1.62 -28.47
N GLU A 70 25.48 0.33 -28.79
CA GLU A 70 24.60 -0.29 -29.80
C GLU A 70 23.14 -0.38 -29.35
N HIS A 71 22.92 -0.33 -28.04
CA HIS A 71 21.63 -0.61 -27.45
C HIS A 71 20.67 0.57 -27.58
N GLN A 72 19.40 0.28 -27.74
CA GLN A 72 18.41 1.34 -27.81
C GLN A 72 17.50 1.38 -26.60
N LEU A 73 16.84 2.53 -26.47
CA LEU A 73 16.02 2.84 -25.32
C LEU A 73 14.59 3.26 -25.76
N LEU A 74 13.63 2.44 -25.36
CA LEU A 74 12.22 2.79 -25.39
C LEU A 74 11.83 3.22 -23.94
N ALA A 75 11.46 4.48 -23.77
CA ALA A 75 11.19 5.01 -22.46
C ALA A 75 10.05 6.04 -22.47
N GLU A 76 9.44 6.23 -21.33
CA GLU A 76 8.20 6.97 -21.21
C GLU A 76 8.36 8.44 -21.62
N GLU A 77 9.32 9.12 -21.02
CA GLU A 77 9.50 10.55 -21.22
C GLU A 77 10.40 10.91 -22.45
N LYS A 78 10.29 10.15 -23.54
CA LYS A 78 10.85 10.59 -24.80
C LYS A 78 10.02 9.98 -25.91
N SER A 79 10.24 10.42 -27.16
CA SER A 79 9.65 9.74 -28.31
C SER A 79 10.37 8.43 -28.53
N ASN A 80 9.63 7.44 -29.03
CA ASN A 80 10.16 6.17 -29.40
C ASN A 80 9.77 5.78 -30.84
N ALA A 81 9.69 6.78 -31.74
CA ALA A 81 9.43 6.57 -33.19
C ALA A 81 10.41 5.57 -33.82
N MET A 82 11.67 5.59 -33.39
CA MET A 82 12.63 4.54 -33.73
C MET A 82 12.24 3.18 -33.06
N ILE A 83 12.37 2.10 -33.80
CA ILE A 83 11.87 0.80 -33.33
C ILE A 83 11.74 -0.22 -34.46
N THR A 84 10.73 -1.06 -34.35
CA THR A 84 10.55 -2.15 -35.26
C THR A 84 10.82 -3.37 -34.41
N ASN A 85 10.18 -4.49 -34.73
CA ASN A 85 10.49 -5.74 -34.07
C ASN A 85 11.97 -6.14 -34.31
N GLU A 86 12.72 -5.29 -35.02
CA GLU A 86 14.02 -5.65 -35.57
C GLU A 86 15.25 -5.25 -34.73
N ILE A 87 15.09 -4.58 -33.59
CA ILE A 87 16.28 -3.92 -32.98
C ILE A 87 17.06 -4.71 -31.90
N ASN A 88 17.38 -5.97 -32.14
CA ASN A 88 18.47 -6.69 -31.43
C ASN A 88 18.67 -6.50 -29.91
N HIS A 89 19.23 -5.36 -29.51
CA HIS A 89 19.44 -4.99 -28.11
C HIS A 89 18.54 -3.81 -27.68
N LEU A 90 17.47 -4.14 -26.96
CA LEU A 90 16.52 -3.15 -26.53
C LEU A 90 16.31 -3.07 -25.01
N TRP A 91 16.37 -1.86 -24.50
CA TRP A 91 15.98 -1.57 -23.13
C TRP A 91 14.64 -0.81 -23.13
N ILE A 92 13.74 -1.20 -22.21
CA ILE A 92 12.53 -0.43 -21.97
C ILE A 92 12.59 0.10 -20.55
N MET A 93 12.30 1.41 -20.36
CA MET A 93 12.40 2.02 -19.04
C MET A 93 11.22 2.90 -18.65
N ASP A 94 10.74 2.68 -17.42
CA ASP A 94 9.82 3.59 -16.77
C ASP A 94 10.60 4.30 -15.68
N PRO A 95 11.08 5.51 -15.95
CA PRO A 95 12.04 6.07 -15.02
C PRO A 95 11.45 6.21 -13.63
N ILE A 96 10.19 6.61 -13.55
CA ILE A 96 9.40 6.56 -12.35
C ILE A 96 8.04 5.99 -12.71
N ASP A 97 7.77 4.78 -12.25
CA ASP A 97 6.45 4.17 -12.35
C ASP A 97 5.72 4.55 -11.09
N GLY A 98 4.57 5.20 -11.23
CA GLY A 98 3.80 5.68 -10.09
C GLY A 98 4.11 7.13 -9.78
N THR A 99 4.21 7.96 -10.81
CA THR A 99 4.55 9.35 -10.62
C THR A 99 3.61 10.13 -9.68
N ALA A 100 2.30 9.84 -9.75
CA ALA A 100 1.32 10.40 -8.82
C ALA A 100 1.67 10.07 -7.38
N ASN A 101 2.02 8.83 -7.12
CA ASN A 101 2.42 8.40 -5.79
C ASN A 101 3.67 9.14 -5.35
N LEU A 102 4.64 9.23 -6.23
CA LEU A 102 5.85 9.99 -5.90
C LEU A 102 5.47 11.38 -5.47
N VAL A 103 4.60 12.00 -6.25
CA VAL A 103 4.19 13.38 -6.01
C VAL A 103 3.36 13.58 -4.74
N LYS A 104 2.34 12.76 -4.56
CA LYS A 104 1.41 12.90 -3.44
C LYS A 104 1.94 12.24 -2.17
N GLN A 105 2.90 11.33 -2.27
CA GLN A 105 3.25 10.51 -1.14
C GLN A 105 4.74 10.33 -0.91
N GLN A 106 5.55 10.49 -1.95
CA GLN A 106 6.96 10.05 -1.91
C GLN A 106 7.08 8.65 -1.35
N GLU A 107 6.14 7.80 -1.73
CA GLU A 107 6.18 6.42 -1.39
C GLU A 107 5.39 5.68 -2.46
N ASP A 108 5.64 4.40 -2.61
CA ASP A 108 4.93 3.56 -3.55
C ASP A 108 5.11 4.00 -5.04
N TYR A 109 6.35 4.29 -5.41
CA TYR A 109 6.76 4.41 -6.81
C TYR A 109 8.00 3.57 -7.02
N CYS A 110 8.28 3.23 -8.27
CA CYS A 110 9.46 2.46 -8.58
C CYS A 110 10.06 2.91 -9.90
N ILE A 111 11.17 2.27 -10.22
CA ILE A 111 11.84 2.43 -11.49
C ILE A 111 11.79 1.06 -12.20
N ILE A 112 11.25 1.02 -13.43
CA ILE A 112 11.17 -0.22 -14.19
C ILE A 112 12.21 -0.27 -15.35
N LEU A 113 13.05 -1.30 -15.40
CA LEU A 113 13.95 -1.54 -16.56
C LEU A 113 13.75 -2.95 -17.07
N ALA A 114 13.75 -3.14 -18.38
CA ALA A 114 13.78 -4.50 -18.94
C ALA A 114 14.68 -4.56 -20.17
N TYR A 115 15.58 -5.54 -20.18
CA TYR A 115 16.43 -5.84 -21.34
C TYR A 115 15.91 -6.98 -22.23
N PHE A 116 15.79 -6.72 -23.52
CA PHE A 116 15.31 -7.70 -24.51
C PHE A 116 16.36 -7.92 -25.58
N TYR A 117 16.79 -9.17 -25.70
CA TYR A 117 17.74 -9.56 -26.70
C TYR A 117 16.98 -10.31 -27.80
N GLU A 118 17.04 -9.73 -29.00
CA GLU A 118 16.37 -10.26 -30.19
C GLU A 118 14.91 -10.51 -29.88
N GLY A 119 14.31 -9.59 -29.14
CA GLY A 119 12.92 -9.72 -28.66
C GLY A 119 12.60 -10.61 -27.45
N LYS A 120 13.60 -11.31 -26.93
CA LYS A 120 13.42 -12.25 -25.82
C LYS A 120 13.89 -11.56 -24.49
N PRO A 121 13.03 -11.56 -23.45
CA PRO A 121 13.43 -10.85 -22.19
C PRO A 121 14.65 -11.49 -21.53
N MET A 122 15.68 -10.72 -21.16
CA MET A 122 16.88 -11.30 -20.51
C MET A 122 17.15 -10.81 -19.10
N LEU A 123 16.83 -9.56 -18.81
CA LEU A 123 17.07 -8.97 -17.50
C LEU A 123 15.93 -8.01 -17.19
N SER A 124 15.46 -7.99 -15.95
CA SER A 124 14.37 -7.12 -15.53
C SER A 124 14.62 -6.54 -14.17
N TYR A 125 14.12 -5.33 -13.95
CA TYR A 125 14.34 -4.65 -12.71
C TYR A 125 13.08 -3.91 -12.36
N VAL A 126 12.66 -4.05 -11.10
CA VAL A 126 11.67 -3.18 -10.52
C VAL A 126 12.33 -2.70 -9.24
N TYR A 127 12.72 -1.44 -9.19
CA TYR A 127 13.36 -0.90 -8.00
C TYR A 127 12.38 -0.13 -7.12
N ASP A 128 12.08 -0.66 -5.95
CA ASP A 128 11.20 0.00 -5.01
C ASP A 128 12.08 0.95 -4.15
N TYR A 129 12.42 2.12 -4.71
CA TYR A 129 13.32 3.04 -4.05
C TYR A 129 12.92 3.47 -2.63
N PRO A 130 11.64 3.82 -2.40
CA PRO A 130 11.34 4.25 -1.03
C PRO A 130 11.66 3.22 0.05
N HIS A 131 11.58 1.94 -0.25
CA HIS A 131 11.96 0.91 0.74
C HIS A 131 13.26 0.25 0.44
N LYS A 132 13.95 0.74 -0.59
CA LYS A 132 15.26 0.23 -0.97
C LYS A 132 15.20 -1.27 -1.20
N LYS A 133 14.23 -1.72 -1.98
CA LYS A 133 14.10 -3.10 -2.39
C LYS A 133 14.23 -3.20 -3.90
N LEU A 134 15.33 -3.77 -4.33
CA LEU A 134 15.53 -4.00 -5.72
C LEU A 134 15.16 -5.42 -6.11
N TYR A 135 14.10 -5.53 -6.91
CA TYR A 135 13.69 -6.77 -7.50
C TYR A 135 14.37 -6.85 -8.85
N LYS A 136 15.10 -7.93 -9.09
CA LYS A 136 15.64 -8.22 -10.38
C LYS A 136 15.30 -9.64 -10.86
N ALA A 137 15.34 -9.83 -12.16
CA ALA A 137 15.18 -11.15 -12.76
C ALA A 137 16.28 -11.33 -13.80
N ILE A 138 16.90 -12.50 -13.81
CA ILE A 138 18.02 -12.80 -14.69
C ILE A 138 17.75 -14.17 -15.23
N ARG A 139 17.59 -14.24 -16.55
CA ARG A 139 17.45 -15.51 -17.23
C ARG A 139 18.75 -16.30 -16.99
N GLY A 140 18.61 -17.54 -16.49
CA GLY A 140 19.76 -18.37 -16.14
C GLY A 140 20.08 -18.43 -14.64
N GLU A 141 19.89 -17.33 -13.92
CA GLU A 141 20.07 -17.37 -12.46
C GLU A 141 18.72 -17.37 -11.73
N GLY A 142 17.75 -16.54 -12.12
CA GLY A 142 16.44 -16.47 -11.44
C GLY A 142 16.00 -15.07 -11.01
N ALA A 143 15.05 -15.01 -10.08
CA ALA A 143 14.51 -13.75 -9.58
C ALA A 143 14.86 -13.53 -8.13
N PHE A 144 15.02 -12.26 -7.78
CA PHE A 144 15.59 -11.88 -6.48
C PHE A 144 15.02 -10.56 -6.00
N CYS A 145 14.95 -10.40 -4.69
CA CYS A 145 14.71 -9.11 -4.05
C CYS A 145 15.92 -8.83 -3.15
N ASN A 146 16.65 -7.76 -3.46
CA ASN A 146 17.92 -7.49 -2.78
C ASN A 146 18.78 -8.77 -2.63
N GLY A 147 18.96 -9.56 -3.69
CA GLY A 147 19.82 -10.76 -3.58
C GLY A 147 19.25 -12.00 -2.88
N ILE A 148 18.05 -11.86 -2.32
CA ILE A 148 17.28 -12.93 -1.75
C ILE A 148 16.33 -13.56 -2.80
N LYS A 149 16.62 -14.80 -3.17
CA LYS A 149 15.97 -15.46 -4.29
C LYS A 149 14.52 -15.64 -4.08
N MET A 150 13.73 -15.28 -5.09
CA MET A 150 12.29 -15.48 -5.04
C MET A 150 11.95 -16.86 -5.69
N GLU A 151 10.94 -17.55 -5.19
CA GLU A 151 10.44 -18.78 -5.82
C GLU A 151 8.97 -18.66 -6.15
N GLU A 152 8.54 -19.41 -7.16
CA GLU A 152 7.14 -19.41 -7.55
C GLU A 152 6.26 -19.41 -6.29
N PRO A 153 5.28 -18.48 -6.20
CA PRO A 153 4.41 -18.41 -5.04
C PRO A 153 3.43 -19.56 -4.94
N PRO A 154 2.95 -19.85 -3.70
CA PRO A 154 1.91 -20.87 -3.54
C PRO A 154 0.68 -20.57 -4.39
N SER A 155 0.12 -21.63 -4.94
CA SER A 155 -1.23 -21.65 -5.54
C SER A 155 -2.27 -20.78 -4.78
N LEU A 156 -2.95 -19.90 -5.49
CA LEU A 156 -3.97 -19.04 -4.87
C LEU A 156 -5.23 -19.01 -5.70
N LYS A 157 -6.29 -19.64 -5.20
CA LYS A 157 -7.62 -19.50 -5.77
C LYS A 157 -8.16 -18.10 -5.53
N LEU A 158 -8.98 -17.61 -6.45
CA LEU A 158 -9.43 -16.22 -6.38
C LEU A 158 -10.08 -15.92 -5.05
N GLU A 159 -10.94 -16.83 -4.59
CA GLU A 159 -11.67 -16.59 -3.33
C GLU A 159 -10.77 -16.49 -2.06
N ASP A 160 -9.54 -17.00 -2.11
CA ASP A 160 -8.55 -16.84 -1.00
C ASP A 160 -7.51 -15.75 -1.20
N ALA A 161 -7.65 -14.95 -2.24
CA ALA A 161 -6.61 -14.02 -2.61
C ALA A 161 -7.04 -12.54 -2.65
N ILE A 162 -6.11 -11.68 -2.26
CA ILE A 162 -6.28 -10.24 -2.43
C ILE A 162 -6.03 -9.88 -3.89
N ILE A 163 -6.89 -9.03 -4.46
CA ILE A 163 -6.64 -8.49 -5.80
C ILE A 163 -6.53 -6.98 -5.83
N SER A 164 -5.89 -6.51 -6.90
CA SER A 164 -5.53 -5.11 -7.06
C SER A 164 -5.83 -4.66 -8.51
N PHE A 165 -6.51 -3.53 -8.62
CA PHE A 165 -6.87 -2.96 -9.91
C PHE A 165 -7.36 -1.55 -9.68
N ASN A 166 -7.54 -0.82 -10.77
CA ASN A 166 -8.05 0.55 -10.73
C ASN A 166 -9.53 0.46 -10.91
N ALA A 167 -10.27 0.77 -9.85
CA ALA A 167 -11.71 0.73 -9.87
C ALA A 167 -12.37 1.98 -10.51
N GLN A 168 -11.60 3.05 -10.74
CA GLN A 168 -12.10 4.30 -11.37
C GLN A 168 -12.32 4.19 -12.90
N VAL A 169 -11.88 3.11 -13.50
CA VAL A 169 -11.77 3.04 -14.95
C VAL A 169 -12.50 1.81 -15.54
N MET A 170 -13.11 1.00 -14.69
CA MET A 170 -13.95 -0.12 -15.09
C MET A 170 -15.40 0.20 -14.77
N ASN A 171 -16.34 -0.46 -15.41
CA ASN A 171 -17.72 -0.24 -15.01
C ASN A 171 -17.94 -0.94 -13.67
N LEU A 172 -18.78 -0.34 -12.85
CA LEU A 172 -18.84 -0.66 -11.45
C LEU A 172 -19.45 -2.03 -11.16
N ASP A 173 -20.19 -2.59 -12.13
CA ASP A 173 -20.65 -3.95 -12.01
C ASP A 173 -19.49 -4.93 -12.04
N THR A 174 -18.55 -4.80 -12.97
CA THR A 174 -17.41 -5.71 -12.88
C THR A 174 -16.50 -5.43 -11.67
N VAL A 175 -16.46 -4.19 -11.23
CA VAL A 175 -15.76 -3.90 -10.00
C VAL A 175 -16.36 -4.71 -8.83
N GLN A 176 -17.68 -4.65 -8.71
CA GLN A 176 -18.41 -5.39 -7.68
C GLN A 176 -18.17 -6.89 -7.77
N ASP A 177 -18.17 -7.44 -8.97
CA ASP A 177 -18.01 -8.88 -9.14
C ASP A 177 -16.62 -9.29 -8.72
N LEU A 178 -15.68 -8.37 -8.91
CA LEU A 178 -14.31 -8.71 -8.60
C LEU A 178 -14.12 -8.66 -7.09
N PHE A 179 -14.79 -7.73 -6.43
CA PHE A 179 -14.84 -7.67 -4.99
C PHE A 179 -15.48 -8.95 -4.43
N ASP A 180 -16.65 -9.27 -4.96
CA ASP A 180 -17.42 -10.45 -4.52
C ASP A 180 -16.62 -11.76 -4.64
N ALA A 181 -16.02 -12.02 -5.80
CA ALA A 181 -15.25 -13.26 -6.03
C ALA A 181 -13.90 -13.43 -5.27
N SER A 182 -13.37 -12.39 -4.63
CA SER A 182 -12.00 -12.44 -4.12
C SER A 182 -11.95 -12.28 -2.62
N PHE A 183 -10.80 -12.49 -2.00
CA PHE A 183 -10.73 -12.36 -0.55
C PHE A 183 -10.92 -10.88 -0.12
N SER A 184 -10.29 -9.96 -0.84
CA SER A 184 -10.31 -8.54 -0.50
C SER A 184 -9.60 -7.75 -1.60
N TYR A 185 -9.73 -6.43 -1.52
CA TYR A 185 -9.15 -5.53 -2.50
C TYR A 185 -8.16 -4.64 -1.80
N ARG A 186 -6.98 -4.48 -2.41
CA ARG A 186 -5.99 -3.49 -2.01
C ARG A 186 -5.49 -2.81 -3.28
N LEU A 187 -4.89 -1.64 -3.14
CA LEU A 187 -4.18 -0.98 -4.26
C LEU A 187 -2.92 -0.20 -3.81
N VAL A 188 -1.78 -0.52 -4.40
CA VAL A 188 -0.58 0.26 -4.19
C VAL A 188 -0.50 1.50 -5.10
N GLY A 189 -0.90 1.35 -6.38
CA GLY A 189 -0.96 2.47 -7.32
C GLY A 189 0.22 2.68 -8.25
N ALA A 190 1.13 1.71 -8.26
CA ALA A 190 2.24 1.65 -9.17
C ALA A 190 2.26 0.26 -9.75
N CYS A 191 2.06 0.17 -11.05
CA CYS A 191 1.95 -1.12 -11.73
C CYS A 191 3.09 -2.10 -11.35
N GLY A 192 4.32 -1.62 -11.38
CA GLY A 192 5.48 -2.46 -11.06
C GLY A 192 5.42 -3.04 -9.65
N LEU A 193 4.87 -2.27 -8.71
CA LEU A 193 4.78 -2.69 -7.34
C LEU A 193 3.55 -3.55 -7.10
N ASP A 194 2.40 -3.17 -7.62
CA ASP A 194 1.23 -4.08 -7.56
C ASP A 194 1.60 -5.42 -8.23
N SER A 195 2.42 -5.35 -9.31
CA SER A 195 2.94 -6.54 -9.96
C SER A 195 3.94 -7.32 -9.12
N MET A 196 4.82 -6.66 -8.40
CA MET A 196 5.69 -7.45 -7.50
C MET A 196 4.91 -8.08 -6.34
N ARG A 197 3.80 -7.52 -5.91
CA ARG A 197 3.04 -8.15 -4.85
C ARG A 197 2.42 -9.47 -5.32
N VAL A 198 2.08 -9.56 -6.61
CA VAL A 198 1.63 -10.80 -7.25
C VAL A 198 2.78 -11.79 -7.39
N ALA A 199 3.97 -11.31 -7.69
CA ALA A 199 5.14 -12.21 -7.77
C ALA A 199 5.51 -12.81 -6.43
N LYS A 200 5.43 -12.02 -5.35
CA LYS A 200 5.68 -12.50 -3.98
C LYS A 200 4.55 -13.35 -3.38
N GLY A 201 3.41 -13.47 -4.04
CA GLY A 201 2.28 -14.26 -3.49
C GLY A 201 1.37 -13.52 -2.52
N GLN A 202 1.63 -12.22 -2.39
CA GLN A 202 0.86 -11.33 -1.53
C GLN A 202 -0.50 -10.97 -2.15
N PHE A 203 -0.51 -10.77 -3.45
CA PHE A 203 -1.75 -10.59 -4.18
C PHE A 203 -1.94 -11.80 -5.13
N GLY A 204 -3.18 -12.23 -5.33
CA GLY A 204 -3.50 -13.18 -6.40
C GLY A 204 -3.32 -12.61 -7.78
N ALA A 205 -3.63 -11.33 -7.97
CA ALA A 205 -3.57 -10.71 -9.31
C ALA A 205 -3.62 -9.19 -9.27
N HIS A 206 -3.08 -8.58 -10.33
CA HIS A 206 -3.17 -7.15 -10.62
C HIS A 206 -3.60 -6.98 -12.06
N ILE A 207 -4.51 -6.03 -12.26
CA ILE A 207 -4.98 -5.69 -13.62
C ILE A 207 -4.68 -4.23 -13.93
N ASN A 208 -4.30 -3.97 -15.18
CA ASN A 208 -4.25 -2.61 -15.65
C ASN A 208 -4.79 -2.63 -17.04
N THR A 209 -5.94 -1.97 -17.22
CA THR A 209 -6.69 -2.03 -18.49
C THR A 209 -6.08 -1.26 -19.64
N ASN A 210 -4.97 -0.54 -19.42
CA ASN A 210 -4.39 0.30 -20.48
C ASN A 210 -2.96 0.73 -20.14
N PRO A 211 -2.05 -0.23 -20.04
CA PRO A 211 -0.66 0.07 -19.75
C PRO A 211 0.12 0.45 -21.00
N LYS A 212 1.07 1.36 -20.85
CA LYS A 212 2.07 1.58 -21.89
C LYS A 212 3.19 0.49 -21.73
N PRO A 213 4.04 0.32 -22.75
CA PRO A 213 5.04 -0.78 -22.68
C PRO A 213 6.01 -0.73 -21.47
N TRP A 214 6.31 0.47 -21.01
CA TRP A 214 7.23 0.66 -19.89
C TRP A 214 6.59 0.34 -18.52
N ASP A 215 5.26 0.47 -18.41
CA ASP A 215 4.56 0.15 -17.16
C ASP A 215 4.63 -1.37 -16.89
N ILE A 216 4.86 -2.21 -17.93
CA ILE A 216 4.86 -3.68 -17.76
C ILE A 216 6.09 -4.44 -18.27
N ALA A 217 7.08 -3.73 -18.77
CA ALA A 217 8.25 -4.34 -19.44
C ALA A 217 8.96 -5.38 -18.59
N ALA A 218 9.26 -5.06 -17.33
CA ALA A 218 10.02 -5.95 -16.48
C ALA A 218 9.27 -7.24 -16.07
N GLN A 219 7.94 -7.16 -16.10
CA GLN A 219 7.13 -8.19 -15.49
C GLN A 219 7.09 -9.43 -16.37
N PHE A 220 7.29 -9.32 -17.69
CA PHE A 220 7.37 -10.58 -18.53
C PHE A 220 8.25 -11.68 -17.92
N LEU A 221 9.53 -11.36 -17.68
CA LEU A 221 10.51 -12.32 -17.20
C LEU A 221 10.26 -12.81 -15.79
N PHE A 222 9.78 -11.90 -14.93
CA PHE A 222 9.39 -12.29 -13.55
C PHE A 222 8.29 -13.32 -13.66
N ALA A 223 7.36 -13.05 -14.58
CA ALA A 223 6.21 -13.93 -14.79
C ALA A 223 6.67 -15.29 -15.30
N GLU A 224 7.63 -15.27 -16.21
CA GLU A 224 8.15 -16.52 -16.76
C GLU A 224 8.86 -17.36 -15.70
N LEU A 225 9.83 -16.73 -15.01
CA LEU A 225 10.67 -17.43 -14.04
C LEU A 225 9.92 -17.87 -12.79
N LEU A 226 8.84 -17.19 -12.43
CA LEU A 226 8.04 -17.55 -11.22
C LEU A 226 6.67 -18.17 -11.52
N ASN A 227 6.50 -18.71 -12.73
CA ASN A 227 5.29 -19.42 -13.16
C ASN A 227 4.03 -18.60 -12.88
N LEU A 228 4.11 -17.33 -13.23
CA LEU A 228 2.94 -16.48 -13.21
C LEU A 228 2.32 -16.51 -14.59
N LYS A 229 1.05 -16.15 -14.65
CA LYS A 229 0.38 -15.92 -15.90
C LYS A 229 0.35 -14.43 -16.16
N MET A 230 0.89 -14.01 -17.30
CA MET A 230 0.80 -12.64 -17.75
C MET A 230 0.30 -12.60 -19.18
N THR A 231 -0.94 -12.13 -19.35
CA THR A 231 -1.58 -12.11 -20.65
C THR A 231 -2.37 -10.82 -20.86
N THR A 232 -2.91 -10.62 -22.08
CA THR A 232 -3.94 -9.62 -22.31
C THR A 232 -5.21 -10.07 -21.56
N LEU A 233 -6.20 -9.21 -21.50
CA LEU A 233 -7.46 -9.56 -20.85
C LEU A 233 -8.32 -10.52 -21.67
N ASP A 234 -7.75 -11.01 -22.77
CA ASP A 234 -8.32 -12.11 -23.55
C ASP A 234 -7.44 -13.32 -23.52
N GLY A 235 -6.46 -13.38 -22.63
CA GLY A 235 -5.63 -14.56 -22.49
C GLY A 235 -4.48 -14.77 -23.48
N LYS A 236 -4.22 -13.80 -24.35
CA LYS A 236 -3.19 -13.92 -25.37
C LYS A 236 -1.83 -13.39 -24.93
N ALA A 237 -0.77 -13.78 -25.64
CA ALA A 237 0.53 -13.16 -25.45
C ALA A 237 0.44 -11.67 -25.71
N ILE A 238 1.39 -10.94 -25.12
CA ILE A 238 1.43 -9.50 -25.19
C ILE A 238 2.68 -9.10 -25.94
N ASP A 239 2.56 -8.10 -26.80
CA ASP A 239 3.67 -7.58 -27.56
C ASP A 239 4.33 -6.60 -26.62
N HIS A 240 5.54 -6.92 -26.17
CA HIS A 240 6.33 -5.99 -25.33
C HIS A 240 6.54 -4.60 -25.90
N LEU A 241 6.51 -4.47 -27.22
CA LEU A 241 6.72 -3.16 -27.90
C LEU A 241 5.52 -2.21 -27.85
N LYS A 242 4.32 -2.78 -27.75
CA LYS A 242 3.07 -2.02 -27.60
C LYS A 242 2.44 -2.44 -26.31
N GLY A 243 1.66 -1.60 -25.68
CA GLY A 243 0.97 -2.17 -24.52
C GLY A 243 -0.09 -3.17 -24.93
N ALA A 244 -0.77 -3.71 -23.93
CA ALA A 244 -2.18 -4.12 -24.09
C ALA A 244 -2.84 -4.17 -22.72
N PRO A 245 -4.20 -4.11 -22.68
CA PRO A 245 -4.83 -4.30 -21.39
C PRO A 245 -4.37 -5.66 -20.92
N PHE A 246 -4.02 -5.75 -19.63
CA PHE A 246 -3.24 -6.86 -19.15
C PHE A 246 -3.58 -7.27 -17.72
N ILE A 247 -3.22 -8.52 -17.43
CA ILE A 247 -3.24 -9.04 -16.09
C ILE A 247 -1.95 -9.80 -15.81
N ILE A 248 -1.47 -9.68 -14.58
CA ILE A 248 -0.46 -10.56 -14.08
C ILE A 248 -1.08 -11.27 -12.87
N SER A 249 -0.99 -12.60 -12.85
CA SER A 249 -1.76 -13.40 -11.94
C SER A 249 -1.07 -14.67 -11.52
N ASN A 250 -1.34 -15.08 -10.29
CA ASN A 250 -1.13 -16.44 -9.84
C ASN A 250 -1.81 -17.39 -10.81
N LYS A 251 -1.24 -18.59 -10.96
CA LYS A 251 -1.80 -19.60 -11.89
C LYS A 251 -3.23 -20.04 -11.54
N ALA A 252 -3.51 -20.16 -10.24
CA ALA A 252 -4.79 -20.72 -9.80
C ALA A 252 -5.94 -19.74 -9.90
N CYS A 253 -5.70 -18.48 -10.25
CA CYS A 253 -6.86 -17.58 -10.34
C CYS A 253 -6.90 -16.76 -11.60
N HIS A 254 -5.92 -16.94 -12.44
CA HIS A 254 -5.90 -16.26 -13.71
C HIS A 254 -7.24 -16.48 -14.44
N GLU A 255 -7.60 -17.76 -14.64
CA GLU A 255 -8.78 -18.04 -15.49
C GLU A 255 -10.06 -17.42 -14.90
N THR A 256 -10.26 -17.58 -13.59
CA THR A 256 -11.46 -17.06 -12.97
C THR A 256 -11.55 -15.55 -13.14
N VAL A 257 -10.42 -14.84 -13.01
CA VAL A 257 -10.40 -13.37 -13.08
C VAL A 257 -10.74 -12.90 -14.48
N LEU A 258 -10.16 -13.55 -15.50
CA LEU A 258 -10.50 -13.22 -16.88
C LEU A 258 -11.96 -13.56 -17.21
N LYS A 259 -12.51 -14.61 -16.61
CA LYS A 259 -13.91 -14.90 -16.84
C LYS A 259 -14.73 -13.74 -16.28
N ILE A 260 -14.46 -13.34 -15.05
CA ILE A 260 -15.17 -12.24 -14.43
C ILE A 260 -15.02 -10.94 -15.26
N LEU A 261 -13.80 -10.61 -15.69
CA LEU A 261 -13.64 -9.41 -16.51
C LEU A 261 -14.46 -9.44 -17.80
N ASN A 262 -14.46 -10.55 -18.52
CA ASN A 262 -15.20 -10.65 -19.79
C ASN A 262 -16.72 -10.97 -19.70
N ALA A 263 -17.21 -11.26 -18.50
CA ALA A 263 -18.63 -11.53 -18.29
C ALA A 263 -19.54 -10.33 -18.59
N ASN A 264 -20.70 -10.65 -19.17
CA ASN A 264 -21.78 -9.68 -19.40
C ASN A 264 -21.47 -8.46 -20.30
N GLY A 265 -20.71 -8.66 -21.37
CA GLY A 265 -20.31 -7.56 -22.23
C GLY A 265 -18.99 -6.87 -21.88
N GLY A 266 -18.27 -7.39 -20.88
CA GLY A 266 -16.90 -6.92 -20.55
C GLY A 266 -16.75 -5.91 -19.41
N TYR A 267 -15.65 -5.18 -19.39
CA TYR A 267 -15.26 -4.42 -18.21
C TYR A 267 -15.23 -2.91 -18.39
N GLN A 268 -15.42 -2.40 -19.59
CA GLN A 268 -15.34 -0.95 -19.78
C GLN A 268 -16.61 -0.30 -19.24
N LYS A 269 -16.58 1.01 -19.04
CA LYS A 269 -17.75 1.75 -18.53
C LYS A 269 -19.07 1.44 -19.30
N TYR A 270 -18.96 1.32 -20.63
CA TYR A 270 -20.08 0.99 -21.50
C TYR A 270 -19.83 -0.37 -22.15
N ARG A 271 -20.78 -1.29 -22.02
CA ARG A 271 -20.51 -2.69 -22.32
C ARG A 271 -21.62 -3.35 -23.18
N LYS B 10 4.42 14.20 36.47
CA LYS B 10 3.42 13.08 36.35
C LYS B 10 4.00 11.90 35.47
N THR B 11 5.28 12.04 35.17
CA THR B 11 5.76 12.06 33.80
C THR B 11 5.36 10.92 32.84
N LEU B 12 4.75 11.34 31.73
CA LEU B 12 4.44 10.48 30.60
C LEU B 12 5.70 10.02 29.86
N GLN B 13 6.76 10.84 29.89
CA GLN B 13 8.02 10.44 29.26
C GLN B 13 8.57 9.15 29.82
N GLN B 14 8.37 8.88 31.10
CA GLN B 14 8.91 7.66 31.72
C GLN B 14 8.04 6.45 31.30
N ILE B 15 6.72 6.66 31.23
CA ILE B 15 5.81 5.62 30.77
C ILE B 15 6.10 5.30 29.28
N ASP B 16 6.33 6.34 28.48
CA ASP B 16 6.71 6.16 27.08
C ASP B 16 7.93 5.24 26.96
N LYS B 17 8.99 5.55 27.74
CA LYS B 17 10.23 4.78 27.73
C LYS B 17 10.05 3.29 27.96
N LEU B 18 9.17 2.94 28.89
CA LEU B 18 8.78 1.57 29.17
C LEU B 18 7.99 0.92 28.04
N ILE B 19 7.09 1.68 27.42
CA ILE B 19 6.31 1.18 26.30
C ILE B 19 7.24 0.90 25.13
N CYS B 20 8.06 1.87 24.76
CA CYS B 20 9.07 1.66 23.73
C CYS B 20 10.01 0.48 24.03
N SER B 21 10.33 0.24 25.31
CA SER B 21 11.18 -0.90 25.68
C SER B 21 10.43 -2.22 25.50
N TRP B 22 9.15 -2.23 25.83
CA TRP B 22 8.30 -3.37 25.53
C TRP B 22 8.22 -3.66 24.01
N LEU B 23 8.10 -2.60 23.23
CA LEU B 23 8.00 -2.71 21.77
C LEU B 23 9.29 -3.24 21.17
N LYS B 24 10.44 -2.92 21.75
CA LYS B 24 11.71 -3.45 21.27
C LYS B 24 11.77 -4.93 21.62
N GLN B 25 11.32 -5.31 22.82
CA GLN B 25 11.27 -6.72 23.17
C GLN B 25 10.32 -7.50 22.23
N ILE B 26 9.20 -6.87 21.80
CA ILE B 26 8.23 -7.55 20.93
C ILE B 26 8.81 -7.79 19.51
N ASP B 27 9.72 -6.93 19.11
CA ASP B 27 10.46 -7.05 17.85
C ASP B 27 11.14 -8.40 17.75
N ASN B 28 11.75 -8.85 18.85
CA ASN B 28 12.50 -10.10 18.88
C ASN B 28 11.61 -11.31 19.01
N VAL B 29 10.37 -11.07 19.42
CA VAL B 29 9.38 -12.09 19.72
C VAL B 29 8.50 -12.43 18.50
N ILE B 30 8.19 -11.44 17.67
CA ILE B 30 7.31 -11.67 16.51
C ILE B 30 7.86 -12.69 15.50
N PRO B 31 9.20 -12.70 15.25
CA PRO B 31 9.74 -13.68 14.34
C PRO B 31 9.44 -15.10 14.69
N GLN B 32 9.57 -15.48 15.96
CA GLN B 32 9.24 -16.85 16.38
C GLN B 32 7.75 -17.14 16.39
N LEU B 33 6.91 -16.10 16.55
CA LEU B 33 5.45 -16.27 16.42
C LEU B 33 5.06 -16.51 14.97
N ILE B 34 5.65 -15.75 14.05
CA ILE B 34 5.51 -16.03 12.61
C ILE B 34 6.02 -17.43 12.32
N MET B 35 7.15 -17.80 12.93
CA MET B 35 7.75 -19.10 12.65
C MET B 35 6.72 -20.24 12.91
N GLU B 36 5.91 -20.09 13.95
CA GLU B 36 4.88 -21.08 14.27
C GLU B 36 3.47 -20.49 14.10
N MET B 37 3.27 -19.80 12.98
CA MET B 37 2.01 -19.11 12.78
C MET B 37 0.85 -20.11 12.72
N THR B 38 -0.31 -19.62 13.08
CA THR B 38 -1.46 -20.48 13.19
C THR B 38 -2.64 -19.54 12.98
N THR B 39 -3.52 -19.94 12.08
CA THR B 39 -4.60 -19.10 11.65
C THR B 39 -5.95 -19.69 12.05
N GLU B 40 -6.86 -18.83 12.50
CA GLU B 40 -8.25 -19.24 12.67
C GLU B 40 -9.15 -18.12 12.25
N THR B 41 -10.41 -18.45 12.05
CA THR B 41 -11.41 -17.46 11.72
C THR B 41 -12.35 -17.29 12.89
N LYS B 42 -12.92 -16.09 13.00
CA LYS B 42 -13.87 -15.75 14.06
C LYS B 42 -15.32 -15.80 13.53
N ARG B 43 -15.87 -14.67 13.09
CA ARG B 43 -17.30 -14.62 12.71
C ARG B 43 -17.59 -15.17 11.31
N HIS B 44 -16.70 -14.95 10.35
CA HIS B 44 -16.83 -15.48 8.99
C HIS B 44 -15.44 -15.77 8.43
N ARG B 45 -15.36 -16.23 7.18
CA ARG B 45 -14.11 -16.73 6.60
C ARG B 45 -13.08 -15.61 6.37
N PHE B 46 -13.53 -14.34 6.48
CA PHE B 46 -12.67 -13.17 6.26
C PHE B 46 -12.21 -12.49 7.54
N ASP B 47 -12.65 -13.02 8.68
CA ASP B 47 -12.35 -12.46 9.99
C ASP B 47 -11.31 -13.35 10.68
N LEU B 48 -10.06 -12.95 10.54
CA LEU B 48 -8.95 -13.79 10.93
C LEU B 48 -8.36 -13.38 12.28
N VAL B 49 -7.88 -14.37 13.01
CA VAL B 49 -6.97 -14.15 14.14
C VAL B 49 -5.87 -15.21 14.06
N THR B 50 -4.70 -14.88 14.57
CA THR B 50 -3.56 -15.80 14.62
C THR B 50 -3.00 -15.84 16.02
N ASN B 51 -2.03 -16.71 16.24
CA ASN B 51 -1.33 -16.74 17.52
C ASN B 51 -0.60 -15.45 17.71
N VAL B 52 -0.17 -14.81 16.62
CA VAL B 52 0.53 -13.51 16.69
C VAL B 52 -0.31 -12.47 17.42
N ASP B 53 -1.50 -12.18 16.90
CA ASP B 53 -2.49 -11.35 17.59
C ASP B 53 -2.61 -11.71 19.08
N LYS B 54 -3.00 -12.96 19.36
CA LYS B 54 -3.25 -13.42 20.71
C LYS B 54 -2.06 -13.24 21.61
N GLN B 55 -0.89 -13.66 21.16
CA GLN B 55 0.31 -13.65 21.99
C GLN B 55 0.84 -12.23 22.27
N ILE B 56 0.79 -11.37 21.27
CA ILE B 56 1.15 -9.96 21.46
C ILE B 56 0.28 -9.32 22.52
N GLN B 57 -1.03 -9.62 22.49
CA GLN B 57 -1.96 -9.07 23.42
C GLN B 57 -1.77 -9.60 24.84
N GLN B 58 -1.83 -10.92 24.99
CA GLN B 58 -1.56 -11.56 26.27
C GLN B 58 -0.23 -11.06 26.89
N GLN B 59 0.80 -10.81 26.08
CA GLN B 59 2.06 -10.25 26.60
C GLN B 59 1.95 -8.80 27.13
N PHE B 60 1.16 -7.95 26.49
CA PHE B 60 1.03 -6.57 26.98
C PHE B 60 0.22 -6.60 28.23
N GLN B 61 -0.78 -7.47 28.23
CA GLN B 61 -1.65 -7.64 29.39
C GLN B 61 -0.81 -7.99 30.63
N GLN B 62 0.23 -8.80 30.41
CA GLN B 62 1.03 -9.34 31.50
C GLN B 62 2.05 -8.25 31.87
N PHE B 63 2.61 -7.55 30.87
CA PHE B 63 3.36 -6.30 31.10
C PHE B 63 2.62 -5.26 31.95
N LEU B 64 1.34 -5.12 31.67
CA LEU B 64 0.50 -4.15 32.34
C LEU B 64 0.30 -4.60 33.80
N ALA B 65 0.10 -5.90 34.00
CA ALA B 65 -0.10 -6.44 35.34
C ALA B 65 1.13 -6.27 36.21
N THR B 66 2.32 -6.46 35.62
CA THR B 66 3.55 -6.36 36.38
C THR B 66 3.93 -4.90 36.62
N TYR B 67 3.76 -4.02 35.63
CA TYR B 67 4.18 -2.63 35.78
C TYR B 67 3.08 -1.64 36.12
N PHE B 68 1.82 -1.99 35.85
CA PHE B 68 0.69 -1.07 36.04
C PHE B 68 -0.58 -1.80 36.50
N PRO B 69 -0.51 -2.49 37.64
CA PRO B 69 -1.62 -3.40 37.99
C PRO B 69 -3.02 -2.77 38.10
N GLU B 70 -3.10 -1.45 38.27
CA GLU B 70 -4.41 -0.78 38.40
C GLU B 70 -5.00 -0.40 37.04
N HIS B 71 -4.16 -0.44 36.01
CA HIS B 71 -4.57 -0.01 34.69
C HIS B 71 -5.39 -1.12 34.02
N GLN B 72 -6.49 -0.72 33.38
CA GLN B 72 -7.31 -1.66 32.65
C GLN B 72 -7.00 -1.72 31.15
N LEU B 73 -7.43 -2.81 30.53
CA LEU B 73 -7.13 -3.12 29.12
C LEU B 73 -8.37 -3.45 28.30
N LEU B 74 -8.61 -2.66 27.26
CA LEU B 74 -9.66 -2.94 26.30
C LEU B 74 -8.98 -3.41 25.03
N ALA B 75 -9.13 -4.68 24.67
CA ALA B 75 -8.37 -5.23 23.54
C ALA B 75 -9.16 -6.21 22.69
N GLU B 76 -8.75 -6.33 21.43
CA GLU B 76 -9.59 -6.98 20.43
C GLU B 76 -9.92 -8.41 20.77
N GLU B 77 -8.88 -9.20 21.05
CA GLU B 77 -9.04 -10.69 21.19
C GLU B 77 -9.45 -11.21 22.60
N LYS B 78 -10.23 -10.40 23.33
CA LYS B 78 -10.72 -10.79 24.64
C LYS B 78 -12.06 -10.16 24.95
N SER B 79 -12.70 -10.62 26.01
CA SER B 79 -13.95 -10.01 26.46
C SER B 79 -13.62 -8.67 27.06
N ASN B 80 -14.47 -7.70 26.77
CA ASN B 80 -14.36 -6.40 27.40
C ASN B 80 -15.66 -6.08 28.11
N ALA B 81 -16.15 -7.09 28.83
CA ALA B 81 -17.49 -7.15 29.48
C ALA B 81 -18.05 -5.83 30.04
N MET B 82 -17.46 -5.12 31.01
CA MET B 82 -16.22 -5.33 31.81
C MET B 82 -15.51 -3.97 31.92
N ILE B 83 -15.36 -3.29 30.78
CA ILE B 83 -14.85 -1.91 30.73
C ILE B 83 -16.04 -0.95 30.81
N THR B 84 -15.86 0.18 31.50
CA THR B 84 -16.97 1.09 31.77
C THR B 84 -16.62 2.54 31.47
N ASN B 85 -17.61 3.41 31.62
CA ASN B 85 -17.46 4.83 31.31
C ASN B 85 -16.70 5.63 32.38
N GLU B 86 -16.21 4.97 33.43
CA GLU B 86 -15.75 5.65 34.64
C GLU B 86 -14.49 4.94 35.16
N ILE B 87 -13.41 5.05 34.40
CA ILE B 87 -12.16 4.30 34.64
C ILE B 87 -10.92 5.17 34.31
N ASN B 88 -10.00 5.25 35.28
CA ASN B 88 -8.99 6.33 35.30
C ASN B 88 -7.82 6.08 34.38
N HIS B 89 -7.30 4.86 34.37
CA HIS B 89 -6.21 4.49 33.50
C HIS B 89 -6.63 3.37 32.56
N LEU B 90 -6.78 3.68 31.28
CA LEU B 90 -7.23 2.69 30.30
C LEU B 90 -6.27 2.64 29.14
N TRP B 91 -5.95 1.43 28.71
CA TRP B 91 -5.13 1.20 27.53
C TRP B 91 -6.04 0.51 26.57
N ILE B 92 -6.11 1.02 25.35
CA ILE B 92 -6.81 0.32 24.28
C ILE B 92 -5.78 -0.30 23.36
N MET B 93 -5.94 -1.58 23.06
CA MET B 93 -4.96 -2.31 22.24
C MET B 93 -5.60 -3.06 21.07
N ASP B 94 -5.02 -2.85 19.87
CA ASP B 94 -5.18 -3.74 18.75
C ASP B 94 -3.82 -4.38 18.53
N PRO B 95 -3.69 -5.67 18.89
CA PRO B 95 -2.38 -6.31 18.86
C PRO B 95 -1.81 -6.53 17.48
N ILE B 96 -2.67 -6.89 16.53
CA ILE B 96 -2.38 -6.77 15.09
C ILE B 96 -3.62 -6.14 14.44
N ASP B 97 -3.50 -4.87 14.01
CA ASP B 97 -4.44 -4.24 13.10
C ASP B 97 -3.92 -4.49 11.68
N GLY B 98 -4.68 -5.21 10.85
CA GLY B 98 -4.26 -5.67 9.53
C GLY B 98 -4.01 -7.18 9.53
N THR B 99 -4.80 -7.92 10.28
CA THR B 99 -4.62 -9.35 10.39
C THR B 99 -4.77 -9.95 9.01
N ALA B 100 -5.68 -9.44 8.19
CA ALA B 100 -5.81 -10.01 6.85
C ALA B 100 -4.50 -9.77 6.04
N ASN B 101 -3.92 -8.59 6.19
CA ASN B 101 -2.63 -8.31 5.57
C ASN B 101 -1.48 -9.20 6.12
N LEU B 102 -1.49 -9.44 7.43
CA LEU B 102 -0.48 -10.25 8.03
C LEU B 102 -0.46 -11.64 7.38
N VAL B 103 -1.60 -12.29 7.47
CA VAL B 103 -1.78 -13.64 6.95
C VAL B 103 -1.56 -13.75 5.45
N LYS B 104 -2.20 -12.87 4.70
CA LYS B 104 -2.16 -12.92 3.21
C LYS B 104 -0.93 -12.29 2.57
N GLN B 105 -0.29 -11.38 3.27
CA GLN B 105 0.77 -10.56 2.70
C GLN B 105 2.08 -10.52 3.46
N GLN B 106 2.05 -10.84 4.77
CA GLN B 106 3.17 -10.66 5.69
C GLN B 106 3.74 -9.26 5.63
N GLU B 107 2.85 -8.29 5.44
CA GLU B 107 3.19 -6.90 5.22
C GLU B 107 1.94 -6.07 5.49
N ASP B 108 2.15 -4.80 5.83
CA ASP B 108 1.07 -3.81 6.03
C ASP B 108 0.08 -4.18 7.17
N TYR B 109 0.64 -4.66 8.27
CA TYR B 109 -0.10 -4.71 9.55
C TYR B 109 0.68 -3.89 10.54
N CYS B 110 0.01 -3.63 11.67
CA CYS B 110 0.57 -2.82 12.72
C CYS B 110 0.07 -3.23 14.12
N ILE B 111 0.73 -2.68 15.13
CA ILE B 111 0.23 -2.74 16.47
C ILE B 111 -0.25 -1.35 16.83
N ILE B 112 -1.44 -1.31 17.43
CA ILE B 112 -2.06 -0.09 17.90
C ILE B 112 -2.23 -0.16 19.43
N LEU B 113 -1.70 0.85 20.12
CA LEU B 113 -1.78 1.04 21.57
C LEU B 113 -2.10 2.48 21.86
N ALA B 114 -2.96 2.70 22.83
CA ALA B 114 -3.33 4.05 23.23
C ALA B 114 -3.67 4.08 24.70
N TYR B 115 -3.12 5.05 25.42
CA TYR B 115 -3.38 5.15 26.82
C TYR B 115 -4.25 6.35 27.05
N PHE B 116 -5.31 6.14 27.84
CA PHE B 116 -6.27 7.18 28.24
C PHE B 116 -6.28 7.41 29.75
N TYR B 117 -6.13 8.68 30.16
CA TYR B 117 -6.21 9.08 31.57
C TYR B 117 -7.44 9.95 31.80
N GLU B 118 -8.37 9.42 32.60
CA GLU B 118 -9.66 10.06 32.85
C GLU B 118 -10.39 10.43 31.55
N GLY B 119 -10.32 9.53 30.56
CA GLY B 119 -11.00 9.66 29.27
C GLY B 119 -10.23 10.42 28.19
N LYS B 120 -9.10 10.99 28.59
CA LYS B 120 -8.29 11.87 27.77
C LYS B 120 -7.05 11.18 27.20
N PRO B 121 -6.87 11.24 25.89
CA PRO B 121 -5.76 10.44 25.38
C PRO B 121 -4.38 11.02 25.72
N MET B 122 -3.49 10.21 26.28
CA MET B 122 -2.16 10.72 26.70
C MET B 122 -0.96 10.19 25.92
N LEU B 123 -1.04 8.93 25.46
CA LEU B 123 0.01 8.29 24.70
C LEU B 123 -0.61 7.43 23.63
N SER B 124 0.04 7.41 22.48
CA SER B 124 -0.46 6.62 21.36
C SER B 124 0.70 6.06 20.57
N TYR B 125 0.48 4.86 20.06
CA TYR B 125 1.47 4.09 19.35
C TYR B 125 0.81 3.41 18.15
N VAL B 126 1.36 3.64 16.94
CA VAL B 126 1.04 2.79 15.80
C VAL B 126 2.39 2.30 15.36
N TYR B 127 2.63 1.00 15.57
CA TYR B 127 3.91 0.42 15.19
C TYR B 127 3.78 -0.43 13.94
N ASP B 128 4.36 0.09 12.84
CA ASP B 128 4.46 -0.61 11.57
C ASP B 128 5.63 -1.59 11.67
N TYR B 129 5.37 -2.72 12.28
CA TYR B 129 6.44 -3.70 12.53
C TYR B 129 7.22 -4.10 11.26
N PRO B 130 6.51 -4.48 10.17
CA PRO B 130 7.19 -4.84 8.92
C PRO B 130 8.17 -3.78 8.38
N HIS B 131 7.91 -2.49 8.53
CA HIS B 131 8.88 -1.46 8.03
C HIS B 131 9.75 -0.86 9.12
N LYS B 132 9.64 -1.46 10.30
CA LYS B 132 10.35 -1.03 11.47
C LYS B 132 10.18 0.47 11.72
N LYS B 133 8.95 0.98 11.53
CA LYS B 133 8.62 2.38 11.85
C LYS B 133 7.59 2.50 12.98
N LEU B 134 8.01 3.16 14.07
CA LEU B 134 7.16 3.43 15.22
C LEU B 134 6.70 4.85 15.23
N TYR B 135 5.42 5.03 14.98
CA TYR B 135 4.78 6.31 15.15
C TYR B 135 4.27 6.34 16.56
N LYS B 136 4.53 7.45 17.23
CA LYS B 136 4.05 7.63 18.57
C LYS B 136 3.63 9.06 18.79
N ALA B 137 2.70 9.26 19.70
CA ALA B 137 2.25 10.61 20.08
C ALA B 137 2.26 10.78 21.60
N ILE B 138 2.76 11.89 22.08
CA ILE B 138 2.90 12.09 23.53
C ILE B 138 2.35 13.44 23.95
N ARG B 139 1.27 13.45 24.71
CA ARG B 139 0.69 14.72 25.13
C ARG B 139 1.81 15.57 25.75
N GLY B 140 1.98 16.78 25.24
CA GLY B 140 3.01 17.67 25.75
C GLY B 140 4.34 17.68 24.99
N GLU B 141 4.80 16.53 24.48
CA GLU B 141 5.98 16.47 23.63
C GLU B 141 5.63 16.53 22.12
N GLY B 142 4.69 15.71 21.68
CA GLY B 142 4.30 15.73 20.26
C GLY B 142 4.14 14.33 19.69
N ALA B 143 4.24 14.24 18.36
CA ALA B 143 4.16 13.01 17.61
C ALA B 143 5.44 12.83 16.81
N PHE B 144 5.87 11.58 16.67
CA PHE B 144 7.19 11.25 16.14
C PHE B 144 7.13 9.96 15.34
N CYS B 145 8.03 9.81 14.38
CA CYS B 145 8.19 8.58 13.65
C CYS B 145 9.63 8.19 13.77
N ASN B 146 9.90 7.07 14.42
CA ASN B 146 11.24 6.69 14.90
C ASN B 146 12.03 7.90 15.46
N GLY B 147 11.36 8.64 16.32
CA GLY B 147 12.02 9.75 16.93
C GLY B 147 12.04 11.07 16.19
N ILE B 148 11.83 11.13 14.88
CA ILE B 148 11.85 12.47 14.24
C ILE B 148 10.46 13.05 14.33
N LYS B 149 10.42 14.33 14.69
CA LYS B 149 9.18 15.06 14.96
C LYS B 149 8.35 15.17 13.69
N MET B 150 7.11 14.68 13.78
CA MET B 150 6.11 14.84 12.75
C MET B 150 5.49 16.22 12.94
N GLU B 151 5.15 16.88 11.84
CA GLU B 151 4.59 18.23 11.88
C GLU B 151 3.21 18.19 11.26
N GLU B 152 2.38 19.19 11.53
CA GLU B 152 1.10 19.31 10.84
C GLU B 152 1.34 19.27 9.34
N PRO B 153 0.54 18.48 8.61
CA PRO B 153 0.78 18.37 7.20
C PRO B 153 0.18 19.56 6.46
N PRO B 154 0.75 19.94 5.29
CA PRO B 154 0.18 21.03 4.46
C PRO B 154 -1.31 20.85 4.21
N SER B 155 -2.01 21.93 3.94
CA SER B 155 -3.40 21.84 3.54
C SER B 155 -3.61 21.03 2.27
N LEU B 156 -4.59 20.11 2.29
CA LEU B 156 -5.02 19.39 1.09
C LEU B 156 -6.52 19.54 0.88
N LYS B 157 -6.89 20.20 -0.22
CA LYS B 157 -8.24 20.13 -0.69
C LYS B 157 -8.48 18.77 -1.33
N LEU B 158 -9.71 18.28 -1.24
CA LEU B 158 -10.03 16.94 -1.68
C LEU B 158 -9.60 16.68 -3.08
N GLU B 159 -9.87 17.63 -3.99
CA GLU B 159 -9.52 17.47 -5.39
C GLU B 159 -8.03 17.24 -5.62
N ASP B 160 -7.21 17.70 -4.67
CA ASP B 160 -5.76 17.45 -4.65
C ASP B 160 -5.30 16.21 -3.89
N ALA B 161 -6.18 15.55 -3.16
CA ALA B 161 -5.80 14.52 -2.19
C ALA B 161 -6.07 13.12 -2.69
N ILE B 162 -5.21 12.18 -2.30
CA ILE B 162 -5.52 10.78 -2.48
C ILE B 162 -6.41 10.41 -1.32
N ILE B 163 -7.37 9.51 -1.53
CA ILE B 163 -8.16 9.01 -0.40
C ILE B 163 -8.26 7.52 -0.31
N SER B 164 -8.56 7.09 0.91
CA SER B 164 -8.53 5.72 1.25
C SER B 164 -9.79 5.35 1.97
N PHE B 165 -10.43 4.29 1.51
CA PHE B 165 -11.59 3.78 2.18
C PHE B 165 -11.85 2.37 1.67
N ASN B 166 -12.67 1.64 2.41
CA ASN B 166 -13.14 0.35 1.94
C ASN B 166 -14.34 0.57 1.04
N ALA B 167 -14.16 0.38 -0.26
CA ALA B 167 -15.23 0.60 -1.21
C ALA B 167 -16.23 -0.55 -1.31
N GLN B 168 -15.88 -1.73 -0.75
CA GLN B 168 -16.77 -2.90 -0.77
C GLN B 168 -18.01 -2.74 0.13
N VAL B 169 -17.91 -1.85 1.10
CA VAL B 169 -18.83 -1.76 2.17
C VAL B 169 -19.73 -0.55 1.92
N MET B 170 -19.59 0.11 0.76
CA MET B 170 -20.40 1.29 0.41
C MET B 170 -21.21 1.07 -0.85
N ASN B 171 -22.35 1.73 -1.00
CA ASN B 171 -23.00 1.66 -2.28
C ASN B 171 -22.09 2.34 -3.36
N LEU B 172 -22.16 1.84 -4.59
CA LEU B 172 -21.24 2.28 -5.65
C LEU B 172 -21.54 3.69 -6.17
N ASP B 173 -22.70 4.24 -5.83
CA ASP B 173 -22.99 5.60 -6.21
C ASP B 173 -22.09 6.55 -5.42
N THR B 174 -21.99 6.35 -4.11
CA THR B 174 -21.15 7.22 -3.32
C THR B 174 -19.64 6.87 -3.43
N VAL B 175 -19.31 5.67 -3.88
CA VAL B 175 -17.91 5.39 -4.20
C VAL B 175 -17.43 6.24 -5.42
N GLN B 176 -18.27 6.27 -6.46
CA GLN B 176 -18.07 7.05 -7.67
C GLN B 176 -17.97 8.54 -7.38
N ASP B 177 -18.85 9.05 -6.52
CA ASP B 177 -18.84 10.48 -6.21
C ASP B 177 -17.54 10.85 -5.51
N LEU B 178 -17.03 9.92 -4.68
CA LEU B 178 -15.71 10.05 -4.03
C LEU B 178 -14.56 9.96 -5.07
N PHE B 179 -14.64 9.04 -6.02
CA PHE B 179 -13.61 8.97 -7.04
C PHE B 179 -13.59 10.32 -7.82
N ASP B 180 -14.76 10.82 -8.18
CA ASP B 180 -14.87 12.03 -9.00
C ASP B 180 -14.42 13.30 -8.27
N ALA B 181 -14.50 13.31 -6.93
CA ALA B 181 -14.20 14.50 -6.16
C ALA B 181 -12.76 14.56 -5.64
N SER B 182 -12.04 13.45 -5.74
CA SER B 182 -10.67 13.40 -5.22
C SER B 182 -9.61 13.26 -6.31
N PHE B 183 -8.35 13.44 -5.92
CA PHE B 183 -7.25 13.20 -6.88
C PHE B 183 -7.09 11.73 -7.32
N SER B 184 -7.00 10.82 -6.37
CA SER B 184 -7.00 9.41 -6.69
C SER B 184 -7.35 8.65 -5.45
N TYR B 185 -7.40 7.34 -5.58
CA TYR B 185 -7.82 6.44 -4.48
C TYR B 185 -6.76 5.35 -4.26
N ARG B 186 -6.44 5.10 -2.99
CA ARG B 186 -5.47 4.06 -2.60
C ARG B 186 -6.01 3.30 -1.37
N LEU B 187 -5.52 2.09 -1.18
CA LEU B 187 -5.86 1.34 0.04
C LEU B 187 -4.72 0.47 0.56
N VAL B 188 -4.38 0.72 1.83
CA VAL B 188 -3.39 -0.09 2.55
C VAL B 188 -4.06 -1.32 3.21
N GLY B 189 -5.20 -1.10 3.84
CA GLY B 189 -6.00 -2.17 4.36
C GLY B 189 -5.76 -2.44 5.84
N ALA B 190 -5.14 -1.48 6.51
CA ALA B 190 -4.98 -1.47 7.96
C ALA B 190 -5.30 -0.07 8.43
N CYS B 191 -6.33 0.07 9.26
CA CYS B 191 -6.83 1.38 9.70
C CYS B 191 -5.69 2.23 10.27
N GLY B 192 -4.87 1.57 11.11
CA GLY B 192 -3.69 2.24 11.65
C GLY B 192 -2.85 2.92 10.56
N LEU B 193 -2.61 2.20 9.46
CA LEU B 193 -1.59 2.62 8.51
C LEU B 193 -2.15 3.58 7.54
N ASP B 194 -3.40 3.37 7.09
CA ASP B 194 -4.09 4.38 6.25
C ASP B 194 -4.25 5.70 7.04
N SER B 195 -4.50 5.62 8.35
CA SER B 195 -4.53 6.80 9.21
C SER B 195 -3.20 7.47 9.32
N MET B 196 -2.12 6.71 9.47
CA MET B 196 -0.81 7.36 9.57
C MET B 196 -0.46 8.07 8.25
N ARG B 197 -0.86 7.51 7.10
CA ARG B 197 -0.75 8.23 5.82
C ARG B 197 -1.51 9.53 5.81
N VAL B 198 -2.63 9.62 6.51
CA VAL B 198 -3.28 10.89 6.64
C VAL B 198 -2.38 11.76 7.47
N ALA B 199 -1.92 11.22 8.60
CA ALA B 199 -1.11 12.01 9.55
C ALA B 199 0.13 12.59 8.91
N LYS B 200 0.69 11.91 7.91
CA LYS B 200 1.88 12.40 7.22
C LYS B 200 1.60 13.25 5.97
N GLY B 201 0.33 13.47 5.64
CA GLY B 201 -0.01 14.21 4.42
C GLY B 201 0.14 13.49 3.11
N GLN B 202 0.27 12.17 3.15
CA GLN B 202 0.31 11.35 1.93
C GLN B 202 -1.14 11.12 1.41
N PHE B 203 -2.09 10.91 2.32
CA PHE B 203 -3.52 10.84 1.99
C PHE B 203 -4.19 12.07 2.61
N GLY B 204 -5.31 12.49 2.04
CA GLY B 204 -6.10 13.60 2.56
C GLY B 204 -7.04 13.14 3.66
N ALA B 205 -7.48 11.88 3.58
CA ALA B 205 -8.45 11.32 4.51
C ALA B 205 -8.50 9.80 4.41
N HIS B 206 -8.87 9.19 5.52
CA HIS B 206 -9.17 7.79 5.55
C HIS B 206 -10.53 7.62 6.20
N ILE B 207 -11.36 6.76 5.61
CA ILE B 207 -12.67 6.44 6.16
C ILE B 207 -12.77 4.98 6.53
N ASN B 208 -13.32 4.70 7.71
CA ASN B 208 -13.73 3.36 8.10
C ASN B 208 -15.15 3.45 8.62
N THR B 209 -16.07 2.73 7.99
CA THR B 209 -17.51 2.89 8.26
C THR B 209 -17.92 2.13 9.48
N ASN B 210 -17.18 1.09 9.86
CA ASN B 210 -17.58 0.34 11.03
C ASN B 210 -16.43 -0.17 11.84
N PRO B 211 -15.59 0.75 12.33
CA PRO B 211 -14.39 0.40 13.07
C PRO B 211 -14.67 -0.02 14.50
N LYS B 212 -13.76 -0.79 15.04
CA LYS B 212 -13.79 -1.13 16.45
C LYS B 212 -13.05 -0.10 17.28
N PRO B 213 -13.29 -0.05 18.60
CA PRO B 213 -12.54 0.91 19.40
C PRO B 213 -11.02 0.81 19.21
N TRP B 214 -10.54 -0.42 19.04
CA TRP B 214 -9.10 -0.67 18.99
C TRP B 214 -8.52 -0.30 17.61
N ASP B 215 -9.36 -0.35 16.58
CA ASP B 215 -8.97 -0.01 15.20
C ASP B 215 -8.63 1.47 15.08
N ILE B 216 -9.24 2.31 15.92
CA ILE B 216 -8.99 3.78 15.85
C ILE B 216 -8.39 4.45 17.10
N ALA B 217 -7.99 3.67 18.09
CA ALA B 217 -7.73 4.24 19.42
C ALA B 217 -6.53 5.16 19.48
N ALA B 218 -5.50 4.83 18.73
CA ALA B 218 -4.30 5.62 18.78
C ALA B 218 -4.46 6.98 18.05
N GLN B 219 -5.38 7.03 17.10
CA GLN B 219 -5.46 8.12 16.15
C GLN B 219 -5.90 9.47 16.81
N PHE B 220 -6.75 9.39 17.83
CA PHE B 220 -7.23 10.58 18.53
C PHE B 220 -6.08 11.55 18.82
N LEU B 221 -5.03 11.06 19.49
CA LEU B 221 -3.92 11.92 19.91
C LEU B 221 -3.17 12.48 18.74
N PHE B 222 -2.92 11.65 17.74
CA PHE B 222 -2.28 12.12 16.52
C PHE B 222 -3.11 13.24 15.90
N ALA B 223 -4.41 13.07 15.88
CA ALA B 223 -5.30 14.00 15.18
C ALA B 223 -5.28 15.31 15.93
N GLU B 224 -5.27 15.19 17.24
CA GLU B 224 -5.22 16.37 18.09
C GLU B 224 -3.92 17.15 17.93
N LEU B 225 -2.78 16.47 18.04
CA LEU B 225 -1.46 17.13 18.00
C LEU B 225 -0.95 17.62 16.62
N LEU B 226 -1.49 17.08 15.53
CA LEU B 226 -1.06 17.39 14.17
C LEU B 226 -2.11 18.24 13.46
N ASN B 227 -3.14 18.64 14.21
CA ASN B 227 -4.27 19.42 13.69
C ASN B 227 -5.00 18.74 12.51
N LEU B 228 -5.32 17.46 12.71
CA LEU B 228 -6.19 16.73 11.78
C LEU B 228 -7.63 16.81 12.30
N LYS B 229 -8.61 16.36 11.52
CA LYS B 229 -9.98 16.19 12.03
C LYS B 229 -10.25 14.71 12.17
N MET B 230 -10.88 14.36 13.29
CA MET B 230 -11.25 12.98 13.53
C MET B 230 -12.61 12.96 14.20
N THR B 231 -13.61 12.39 13.51
CA THR B 231 -15.00 12.56 13.90
C THR B 231 -15.80 11.35 13.51
N THR B 232 -17.07 11.38 13.89
CA THR B 232 -18.04 10.46 13.32
C THR B 232 -18.31 10.91 11.91
N LEU B 233 -19.03 10.10 11.15
CA LEU B 233 -19.38 10.51 9.79
C LEU B 233 -20.49 11.58 9.78
N ASP B 234 -20.90 12.01 10.97
CA ASP B 234 -21.75 13.19 11.18
C ASP B 234 -21.04 14.35 11.81
N GLY B 235 -19.70 14.31 11.85
CA GLY B 235 -18.90 15.41 12.36
C GLY B 235 -18.76 15.47 13.87
N LYS B 236 -19.36 14.52 14.60
CA LYS B 236 -19.38 14.56 16.07
C LYS B 236 -18.14 13.93 16.73
N ALA B 237 -17.94 14.24 18.01
CA ALA B 237 -16.89 13.55 18.79
C ALA B 237 -17.16 12.03 18.83
N ILE B 238 -16.11 11.24 18.75
CA ILE B 238 -16.24 9.81 18.79
C ILE B 238 -16.01 9.36 20.20
N ASP B 239 -16.92 8.52 20.68
CA ASP B 239 -16.71 7.77 21.91
C ASP B 239 -15.57 6.73 21.72
N HIS B 240 -14.48 6.91 22.44
CA HIS B 240 -13.33 6.03 22.28
C HIS B 240 -13.58 4.61 22.80
N LEU B 241 -14.62 4.46 23.64
CA LEU B 241 -14.92 3.17 24.28
C LEU B 241 -15.72 2.24 23.34
N LYS B 242 -16.70 2.79 22.64
CA LYS B 242 -17.45 2.09 21.61
C LYS B 242 -16.92 2.64 20.30
N GLY B 243 -16.98 1.95 19.19
CA GLY B 243 -16.47 2.62 18.00
C GLY B 243 -17.36 3.76 17.50
N ALA B 244 -17.26 4.05 16.21
CA ALA B 244 -18.32 4.68 15.42
C ALA B 244 -17.84 4.73 13.97
N PRO B 245 -18.78 4.76 12.99
CA PRO B 245 -18.33 5.17 11.64
C PRO B 245 -17.46 6.45 11.72
N PHE B 246 -16.20 6.40 11.30
CA PHE B 246 -15.29 7.50 11.58
C PHE B 246 -14.47 7.93 10.37
N ILE B 247 -13.80 9.07 10.53
CA ILE B 247 -12.99 9.65 9.48
C ILE B 247 -11.85 10.36 10.17
N ILE B 248 -10.67 10.21 9.59
CA ILE B 248 -9.54 11.00 9.96
C ILE B 248 -9.14 11.74 8.69
N SER B 249 -8.84 13.02 8.80
CA SER B 249 -8.83 13.91 7.64
C SER B 249 -7.87 15.04 7.82
N ASN B 250 -7.19 15.43 6.75
CA ASN B 250 -6.62 16.76 6.66
C ASN B 250 -7.73 17.74 6.98
N LYS B 251 -7.39 18.93 7.47
CA LYS B 251 -8.45 19.89 7.85
C LYS B 251 -9.08 20.50 6.61
N ALA B 252 -8.35 20.56 5.52
CA ALA B 252 -8.83 21.22 4.32
C ALA B 252 -9.83 20.40 3.51
N CYS B 253 -9.95 19.07 3.75
CA CYS B 253 -10.94 18.25 3.01
C CYS B 253 -11.97 17.49 3.86
N HIS B 254 -12.02 17.79 5.14
CA HIS B 254 -12.97 17.16 6.06
C HIS B 254 -14.47 17.38 5.73
N GLU B 255 -14.96 18.62 5.81
CA GLU B 255 -16.37 18.92 5.50
C GLU B 255 -16.77 18.31 4.14
N THR B 256 -15.90 18.40 3.14
CA THR B 256 -16.24 17.99 1.76
C THR B 256 -16.49 16.48 1.66
N VAL B 257 -15.68 15.68 2.33
CA VAL B 257 -15.87 14.22 2.33
C VAL B 257 -17.15 13.83 3.05
N LEU B 258 -17.38 14.46 4.19
CA LEU B 258 -18.59 14.17 4.95
C LEU B 258 -19.79 14.53 4.15
N LYS B 259 -19.72 15.68 3.48
CA LYS B 259 -20.83 16.16 2.71
C LYS B 259 -21.13 15.13 1.65
N ILE B 260 -20.12 14.70 0.91
CA ILE B 260 -20.33 13.69 -0.12
C ILE B 260 -20.87 12.36 0.49
N LEU B 261 -20.34 11.94 1.64
CA LEU B 261 -20.73 10.67 2.23
C LEU B 261 -22.21 10.69 2.57
N ASN B 262 -22.68 11.82 3.09
CA ASN B 262 -24.06 11.95 3.54
C ASN B 262 -25.08 12.28 2.42
N ALA B 263 -24.59 12.82 1.31
CA ALA B 263 -25.45 13.28 0.22
C ALA B 263 -26.27 12.16 -0.35
N ASN B 264 -27.38 12.51 -1.03
CA ASN B 264 -28.15 11.60 -1.86
C ASN B 264 -28.64 10.36 -1.14
N GLY B 265 -29.04 10.49 0.11
CA GLY B 265 -29.45 9.32 0.89
C GLY B 265 -28.32 8.56 1.56
N GLY B 266 -27.08 9.07 1.52
CA GLY B 266 -26.01 8.45 2.32
C GLY B 266 -25.23 7.30 1.70
N TYR B 267 -24.25 6.83 2.45
CA TYR B 267 -23.23 5.90 1.97
C TYR B 267 -23.51 4.39 2.11
N GLN B 268 -24.63 4.04 2.75
CA GLN B 268 -24.92 2.64 3.06
C GLN B 268 -25.29 1.86 1.82
N LYS B 269 -25.15 0.55 1.89
CA LYS B 269 -25.21 -0.34 0.72
C LYS B 269 -26.51 -0.38 -0.08
N TYR B 270 -27.66 -0.55 0.55
CA TYR B 270 -28.95 -0.69 -0.23
C TYR B 270 -29.14 -1.97 -1.09
N ARG B 271 -28.07 -2.70 -1.43
CA ARG B 271 -28.22 -4.03 -2.04
C ARG B 271 -26.92 -4.85 -2.08
MG MG C . 3.41 8.99 -16.71
MG MG D . 6.51 6.38 -15.37
P PO4 E . 3.85 6.79 -14.63
O1 PO4 E . 3.00 6.96 -15.89
O2 PO4 E . 4.51 5.44 -14.71
O3 PO4 E . 3.03 6.82 -13.36
O4 PO4 E . 4.89 7.90 -14.52
C1 GOL F . 0.61 4.33 -13.99
O1 GOL F . -0.76 4.72 -14.08
C2 GOL F . 0.70 3.08 -13.13
O2 GOL F . 2.05 2.65 -12.93
C3 GOL F . 0.06 3.43 -11.80
O3 GOL F . -1.31 3.82 -11.94
MG MG G . 4.45 3.90 -15.42
O1 PG4 H . 9.81 18.10 -1.39
C1 PG4 H . 9.07 19.04 -2.17
C2 PG4 H . 7.77 18.42 -2.67
O2 PG4 H . 7.66 17.07 -2.18
C3 PG4 H . 6.46 16.40 -2.60
C4 PG4 H . 5.27 16.77 -1.69
O3 PG4 H . 4.69 15.61 -1.08
C5 PG4 H . 3.95 15.97 0.08
C6 PG4 H . 3.25 14.77 0.70
O4 PG4 H . 3.71 14.56 2.03
C7 PG4 H . 4.54 13.41 2.11
C8 PG4 H . 5.31 13.43 3.42
O5 PG4 H . 5.66 12.09 3.76
MG MG I . -9.47 -8.99 13.60
MG MG J . -6.64 -6.57 15.20
P PO4 K . -7.85 -6.63 12.84
O1 PO4 K . -9.36 -6.69 12.85
O2 PO4 K . -7.32 -6.59 11.43
O3 PO4 K . -7.45 -5.37 13.55
O4 PO4 K . -7.41 -7.85 13.63
C1 GOL L . -9.46 -3.79 10.16
O1 GOL L . -9.99 -4.64 9.12
C2 GOL L . -8.81 -2.58 9.53
O2 GOL L . -7.62 -2.24 10.27
C3 GOL L . -8.43 -2.94 8.09
O3 GOL L . -9.54 -3.27 7.21
O1 PG4 M . 1.91 19.24 22.40
C1 PG4 M . 2.17 20.24 21.40
C2 PG4 M . 3.19 19.75 20.38
O2 PG4 M . 2.57 18.71 19.62
O3 PG4 M . -2.30 20.88 25.05
C5 PG4 M . -1.42 19.79 25.36
C6 PG4 M . -1.92 19.01 26.58
O4 PG4 M . -2.91 19.68 27.38
C7 PG4 M . -4.19 19.88 26.78
C8 PG4 M . -5.25 19.45 27.77
O5 PG4 M . -6.47 19.04 27.12
#